data_3RDV
#
_entry.id   3RDV
#
_cell.length_a   38.210
_cell.length_b   45.740
_cell.length_c   49.360
_cell.angle_alpha   100.06
_cell.angle_beta   105.76
_cell.angle_gamma   108.39
#
_symmetry.space_group_name_H-M   'P 1'
#
loop_
_entity.id
_entity.type
_entity.pdbx_description
1 polymer 'CAP-Gly domain-containing linker protein 1'
2 polymer 'SLAIN motif-containing protein 2'
3 non-polymer 'SODIUM ION'
4 non-polymer BETA-MERCAPTOETHANOL
5 water water
#
loop_
_entity_poly.entity_id
_entity_poly.type
_entity_poly.pdbx_seq_one_letter_code
_entity_poly.pdbx_strand_id
1 'polypeptide(L)' DDFRVGERVWVNGNKPGFIQFLGETQFAPGQWAGIVLDEPIGKNDGSVAGVRYFQCEPLKGIFTRPSKLTRK A,B,C,D
2 'polypeptide(L)' DSWKDGCY E,F,G,H
#
loop_
_chem_comp.id
_chem_comp.type
_chem_comp.name
_chem_comp.formula
BME non-polymer BETA-MERCAPTOETHANOL 'C2 H6 O S'
NA non-polymer 'SODIUM ION' 'Na 1'
#
# COMPACT_ATOMS: atom_id res chain seq x y z
N ASP A 2 0.55 1.74 19.40
CA ASP A 2 0.18 1.13 18.12
C ASP A 2 1.32 0.27 17.55
N PHE A 3 2.31 0.94 16.95
CA PHE A 3 3.44 0.24 16.33
C PHE A 3 4.28 -0.57 17.32
N ARG A 4 4.98 -1.57 16.80
CA ARG A 4 5.84 -2.39 17.64
C ARG A 4 7.13 -2.77 16.93
N VAL A 5 8.20 -2.87 17.72
CA VAL A 5 9.47 -3.35 17.21
C VAL A 5 9.29 -4.72 16.57
N GLY A 6 9.90 -4.91 15.41
CA GLY A 6 9.75 -6.13 14.64
C GLY A 6 8.71 -6.05 13.52
N GLU A 7 7.82 -5.06 13.56
CA GLU A 7 6.75 -4.96 12.57
C GLU A 7 7.23 -4.61 11.17
N ARG A 8 6.62 -5.25 10.19
CA ARG A 8 6.84 -4.92 8.78
C ARG A 8 6.11 -3.64 8.47
N VAL A 9 6.83 -2.68 7.88
CA VAL A 9 6.22 -1.36 7.60
C VAL A 9 6.70 -0.76 6.27
N TRP A 10 5.98 0.24 5.79
CA TRP A 10 6.45 1.06 4.69
C TRP A 10 6.70 2.46 5.21
N VAL A 11 7.79 3.07 4.79
CA VAL A 11 8.02 4.49 5.06
C VAL A 11 7.48 5.29 3.87
N ASN A 12 6.66 6.30 4.14
CA ASN A 12 5.96 7.08 3.09
C ASN A 12 5.20 6.24 2.10
N GLY A 13 4.78 5.07 2.55
CA GLY A 13 3.95 4.20 1.75
C GLY A 13 4.68 3.43 0.68
N ASN A 14 5.97 3.67 0.49
CA ASN A 14 6.65 2.97 -0.60
C ASN A 14 8.09 2.52 -0.35
N LYS A 15 8.59 2.71 0.87
CA LYS A 15 9.89 2.17 1.20
C LYS A 15 9.72 1.09 2.25
N PRO A 16 9.82 -0.19 1.85
CA PRO A 16 9.62 -1.28 2.83
C PRO A 16 10.77 -1.48 3.80
N GLY A 17 10.44 -1.85 5.03
CA GLY A 17 11.44 -2.17 6.05
C GLY A 17 10.82 -2.80 7.28
N PHE A 18 11.57 -2.84 8.39
CA PHE A 18 11.06 -3.34 9.65
C PHE A 18 11.38 -2.38 10.75
N ILE A 19 10.47 -2.25 11.70
CA ILE A 19 10.77 -1.41 12.86
C ILE A 19 11.81 -2.12 13.73
N GLN A 20 12.90 -1.42 14.08
CA GLN A 20 13.95 -2.00 14.92
C GLN A 20 14.12 -1.19 16.20
N PHE A 21 13.50 -0.02 16.25
CA PHE A 21 13.61 0.85 17.42
C PHE A 21 12.39 1.75 17.49
N LEU A 22 11.88 1.98 18.68
CA LEU A 22 10.80 2.93 18.85
C LEU A 22 11.03 3.62 20.17
N GLY A 23 11.25 4.92 20.13
CA GLY A 23 11.34 5.69 21.35
C GLY A 23 11.89 7.10 21.19
N GLU A 24 12.21 7.73 22.32
CA GLU A 24 12.92 8.98 22.27
C GLU A 24 14.41 8.73 21.99
N THR A 25 15.10 9.76 21.53
CA THR A 25 16.50 9.67 21.13
C THR A 25 17.28 10.88 21.62
N GLN A 26 18.56 10.94 21.26
CA GLN A 26 19.44 12.05 21.69
C GLN A 26 19.53 13.14 20.62
N PHE A 27 19.10 12.82 19.40
CA PHE A 27 19.27 13.74 18.27
C PHE A 27 18.15 14.77 18.03
N ALA A 28 16.93 14.51 18.50
CA ALA A 28 15.82 15.42 18.29
C ALA A 28 14.70 15.00 19.24
N PRO A 29 13.83 15.95 19.61
CA PRO A 29 12.74 15.65 20.55
C PRO A 29 11.65 14.72 20.00
N GLY A 30 10.82 14.21 20.90
CA GLY A 30 9.65 13.44 20.51
C GLY A 30 9.96 11.99 20.15
N GLN A 31 8.96 11.32 19.56
CA GLN A 31 9.06 9.90 19.28
C GLN A 31 9.65 9.61 17.91
N TRP A 32 10.50 8.60 17.85
CA TRP A 32 11.15 8.19 16.59
C TRP A 32 11.04 6.68 16.36
N ALA A 33 10.89 6.28 15.10
CA ALA A 33 10.94 4.88 14.74
C ALA A 33 12.23 4.68 13.94
N GLY A 34 13.05 3.73 14.39
CA GLY A 34 14.26 3.37 13.68
C GLY A 34 13.94 2.16 12.83
N ILE A 35 14.17 2.29 11.52
CA ILE A 35 13.69 1.29 10.58
C ILE A 35 14.90 0.70 9.87
N VAL A 36 14.94 -0.62 9.69
CA VAL A 36 15.89 -1.17 8.77
C VAL A 36 15.17 -1.41 7.43
N LEU A 37 15.69 -0.76 6.39
CA LEU A 37 15.06 -0.74 5.05
C LEU A 37 15.52 -1.93 4.23
N ASP A 38 14.63 -2.45 3.36
CA ASP A 38 14.99 -3.55 2.44
C ASP A 38 16.13 -3.16 1.52
N GLU A 39 16.16 -1.90 1.10
CA GLU A 39 17.21 -1.42 0.21
C GLU A 39 18.06 -0.40 0.94
N PRO A 40 19.34 -0.28 0.56
CA PRO A 40 20.31 0.61 1.21
C PRO A 40 20.15 2.06 0.78
N ILE A 41 18.98 2.61 1.05
CA ILE A 41 18.64 3.95 0.60
C ILE A 41 18.43 4.89 1.78
N GLY A 42 18.86 4.47 2.96
CA GLY A 42 18.67 5.25 4.19
C GLY A 42 19.80 6.22 4.49
N LYS A 43 19.98 6.51 5.78
CA LYS A 43 20.93 7.55 6.19
C LYS A 43 22.02 7.04 7.13
N ASN A 44 21.83 5.85 7.68
CA ASN A 44 22.68 5.44 8.79
C ASN A 44 22.74 3.92 8.96
N ASP A 45 23.50 3.47 9.96
CA ASP A 45 23.64 2.06 10.29
C ASP A 45 22.95 1.69 11.61
N GLY A 46 21.99 2.53 12.03
CA GLY A 46 21.29 2.34 13.28
C GLY A 46 21.83 3.27 14.34
N SER A 47 22.96 3.90 14.06
CA SER A 47 23.52 4.89 14.99
C SER A 47 23.44 6.31 14.40
N VAL A 48 23.32 7.32 15.26
CA VAL A 48 23.29 8.74 14.83
C VAL A 48 24.20 9.51 15.79
N ALA A 49 25.21 10.19 15.24
CA ALA A 49 26.13 11.00 16.04
C ALA A 49 26.82 10.17 17.12
N GLY A 50 27.15 8.93 16.77
CA GLY A 50 27.88 8.05 17.66
C GLY A 50 27.00 7.32 18.65
N VAL A 51 25.71 7.63 18.67
CA VAL A 51 24.81 6.97 19.60
C VAL A 51 24.10 5.80 18.93
N ARG A 52 24.20 4.62 19.53
CA ARG A 52 23.66 3.41 18.93
C ARG A 52 22.22 3.06 19.39
N TYR A 53 21.28 3.09 18.46
CA TYR A 53 19.88 2.79 18.78
C TYR A 53 19.49 1.38 18.34
N PHE A 54 20.04 0.97 17.20
CA PHE A 54 19.92 -0.40 16.73
C PHE A 54 21.09 -0.68 15.80
N GLN A 55 21.17 -1.89 15.24
CA GLN A 55 22.32 -2.23 14.41
C GLN A 55 21.85 -2.79 13.07
N CYS A 56 22.31 -2.19 11.99
CA CYS A 56 22.10 -2.73 10.65
C CYS A 56 23.29 -2.40 9.73
N GLU A 57 23.26 -2.89 8.49
CA GLU A 57 24.30 -2.56 7.52
C GLU A 57 24.20 -1.09 7.12
N PRO A 58 25.33 -0.50 6.68
CA PRO A 58 25.41 0.91 6.29
C PRO A 58 24.28 1.32 5.32
N LEU A 59 23.70 2.49 5.59
CA LEU A 59 22.62 3.06 4.80
C LEU A 59 21.31 2.27 4.75
N LYS A 60 21.19 1.19 5.53
CA LYS A 60 19.91 0.51 5.61
C LYS A 60 19.04 1.03 6.72
N GLY A 61 19.57 1.92 7.55
CA GLY A 61 18.79 2.45 8.66
C GLY A 61 18.31 3.87 8.40
N ILE A 62 17.15 4.19 8.97
CA ILE A 62 16.62 5.57 8.91
C ILE A 62 15.74 5.76 10.13
N PHE A 63 15.71 6.98 10.67
CA PHE A 63 14.81 7.32 11.76
C PHE A 63 13.75 8.27 11.22
N THR A 64 12.49 7.94 11.46
CA THR A 64 11.39 8.76 11.00
C THR A 64 10.31 8.83 12.06
N ARG A 65 9.40 9.79 11.92
CA ARG A 65 8.26 9.86 12.80
C ARG A 65 7.33 8.69 12.59
N PRO A 66 6.74 8.17 13.66
CA PRO A 66 5.81 7.06 13.50
C PRO A 66 4.65 7.40 12.58
N SER A 67 4.24 8.67 12.55
CA SER A 67 3.13 9.06 11.68
C SER A 67 3.44 8.87 10.21
N LYS A 68 4.72 8.67 9.85
CA LYS A 68 5.04 8.47 8.44
C LYS A 68 4.98 7.00 8.05
N LEU A 69 4.63 6.13 8.98
CA LEU A 69 4.66 4.69 8.71
C LEU A 69 3.29 4.11 8.42
N THR A 70 3.27 3.06 7.61
CA THR A 70 2.09 2.25 7.41
C THR A 70 2.43 0.79 7.75
N ARG A 71 1.57 0.13 8.52
CA ARG A 71 1.80 -1.25 8.90
C ARG A 71 1.47 -2.19 7.75
N ASP B 2 -6.64 -17.00 -10.80
CA ASP B 2 -5.98 -16.75 -9.52
C ASP B 2 -5.37 -15.35 -9.42
N PHE B 3 -5.00 -14.76 -10.56
CA PHE B 3 -4.40 -13.42 -10.60
C PHE B 3 -5.06 -12.54 -11.67
N ARG B 4 -4.89 -11.23 -11.52
CA ARG B 4 -5.40 -10.29 -12.54
C ARG B 4 -4.43 -9.16 -12.84
N VAL B 5 -4.49 -8.67 -14.08
CA VAL B 5 -3.68 -7.53 -14.50
C VAL B 5 -4.04 -6.36 -13.62
N GLY B 6 -3.03 -5.58 -13.24
CA GLY B 6 -3.20 -4.49 -12.30
C GLY B 6 -2.87 -4.82 -10.84
N GLU B 7 -2.81 -6.12 -10.49
CA GLU B 7 -2.63 -6.51 -9.08
C GLU B 7 -1.22 -6.25 -8.58
N ARG B 8 -1.14 -5.83 -7.32
CA ARG B 8 0.12 -5.63 -6.62
C ARG B 8 0.56 -6.99 -6.14
N VAL B 9 1.78 -7.38 -6.50
CA VAL B 9 2.31 -8.70 -6.14
C VAL B 9 3.76 -8.65 -5.69
N TRP B 10 4.24 -9.74 -5.06
CA TRP B 10 5.67 -9.93 -4.89
C TRP B 10 6.10 -11.10 -5.75
N VAL B 11 7.23 -10.95 -6.42
CA VAL B 11 7.88 -12.09 -7.07
C VAL B 11 8.80 -12.74 -6.04
N ASN B 12 8.65 -14.07 -5.88
CA ASN B 12 9.41 -14.83 -4.87
C ASN B 12 9.31 -14.26 -3.46
N GLY B 13 8.16 -13.67 -3.16
CA GLY B 13 7.90 -13.12 -1.84
C GLY B 13 8.67 -11.87 -1.46
N ASN B 14 9.57 -11.39 -2.31
CA ASN B 14 10.38 -10.23 -1.89
C ASN B 14 10.75 -9.22 -2.98
N LYS B 15 10.21 -9.39 -4.18
CA LYS B 15 10.40 -8.40 -5.22
C LYS B 15 9.04 -7.84 -5.59
N PRO B 16 8.74 -6.63 -5.12
CA PRO B 16 7.41 -6.07 -5.36
C PRO B 16 7.25 -5.48 -6.76
N GLY B 17 6.05 -5.63 -7.30
CA GLY B 17 5.70 -5.10 -8.61
C GLY B 17 4.20 -5.10 -8.83
N PHE B 18 3.78 -4.88 -10.08
CA PHE B 18 2.39 -5.04 -10.47
C PHE B 18 2.32 -5.98 -11.66
N ILE B 19 1.27 -6.77 -11.69
CA ILE B 19 1.03 -7.57 -12.88
C ILE B 19 0.58 -6.66 -14.03
N GLN B 20 1.21 -6.81 -15.19
CA GLN B 20 0.85 -5.98 -16.35
C GLN B 20 0.42 -6.83 -17.54
N PHE B 21 0.64 -8.13 -17.42
CA PHE B 21 0.32 -9.08 -18.48
C PHE B 21 0.08 -10.46 -17.85
N LEU B 22 -0.90 -11.20 -18.36
CA LEU B 22 -1.13 -12.56 -17.91
C LEU B 22 -1.61 -13.36 -19.08
N GLY B 23 -0.86 -14.39 -19.46
CA GLY B 23 -1.30 -15.31 -20.50
C GLY B 23 -0.17 -16.03 -21.20
N GLU B 24 -0.46 -16.60 -22.36
CA GLU B 24 0.58 -17.30 -23.11
C GLU B 24 1.45 -16.31 -23.89
N THR B 25 2.65 -16.77 -24.27
CA THR B 25 3.60 -15.92 -24.96
C THR B 25 4.24 -16.69 -26.10
N GLN B 26 5.14 -16.02 -26.84
CA GLN B 26 5.82 -16.67 -27.97
C GLN B 26 7.12 -17.32 -27.56
N PHE B 27 7.60 -16.97 -26.37
CA PHE B 27 8.95 -17.36 -25.93
C PHE B 27 9.04 -18.70 -25.19
N ALA B 28 7.93 -19.19 -24.64
CA ALA B 28 7.90 -20.48 -23.92
C ALA B 28 6.45 -20.85 -23.63
N PRO B 29 6.16 -22.16 -23.52
CA PRO B 29 4.82 -22.69 -23.26
C PRO B 29 4.24 -22.28 -21.91
N GLY B 30 2.94 -22.43 -21.77
CA GLY B 30 2.30 -22.29 -20.47
C GLY B 30 1.98 -20.84 -20.18
N GLN B 31 1.55 -20.58 -18.94
CA GLN B 31 1.13 -19.26 -18.52
C GLN B 31 2.29 -18.47 -17.98
N TRP B 32 2.34 -17.19 -18.34
CA TRP B 32 3.34 -16.24 -17.85
C TRP B 32 2.69 -14.98 -17.28
N ALA B 33 3.31 -14.44 -16.22
CA ALA B 33 2.88 -13.18 -15.67
C ALA B 33 3.98 -12.20 -15.98
N GLY B 34 3.63 -11.11 -16.65
CA GLY B 34 4.57 -10.04 -16.95
C GLY B 34 4.38 -9.01 -15.85
N ILE B 35 5.47 -8.70 -15.16
CA ILE B 35 5.42 -7.87 -13.96
C ILE B 35 6.27 -6.64 -14.19
N VAL B 36 5.76 -5.47 -13.80
CA VAL B 36 6.61 -4.28 -13.71
C VAL B 36 7.06 -4.12 -12.26
N LEU B 37 8.37 -4.14 -12.08
CA LEU B 37 8.99 -4.19 -10.76
C LEU B 37 9.19 -2.78 -10.23
N ASP B 38 9.05 -2.60 -8.92
CA ASP B 38 9.34 -1.31 -8.29
C ASP B 38 10.77 -0.89 -8.58
N GLU B 39 11.68 -1.84 -8.57
CA GLU B 39 13.10 -1.55 -8.78
C GLU B 39 13.57 -2.09 -10.11
N PRO B 40 14.56 -1.42 -10.71
CA PRO B 40 15.13 -1.84 -11.99
C PRO B 40 16.01 -3.09 -11.91
N ILE B 41 15.45 -4.20 -11.44
CA ILE B 41 16.23 -5.41 -11.26
C ILE B 41 15.73 -6.56 -12.14
N GLY B 42 14.97 -6.21 -13.18
CA GLY B 42 14.39 -7.21 -14.07
C GLY B 42 15.25 -7.48 -15.29
N LYS B 43 14.60 -7.92 -16.36
CA LYS B 43 15.31 -8.40 -17.54
C LYS B 43 14.94 -7.66 -18.84
N ASN B 44 13.87 -6.88 -18.81
CA ASN B 44 13.32 -6.36 -20.06
C ASN B 44 12.45 -5.14 -19.86
N ASP B 45 11.87 -4.64 -20.96
CA ASP B 45 11.00 -3.48 -20.92
C ASP B 45 9.56 -3.86 -21.26
N GLY B 46 9.25 -5.14 -21.10
CA GLY B 46 7.92 -5.66 -21.38
C GLY B 46 7.90 -6.38 -22.71
N SER B 47 8.99 -6.28 -23.47
CA SER B 47 9.13 -7.08 -24.69
C SER B 47 10.21 -8.15 -24.53
N VAL B 48 10.02 -9.29 -25.21
CA VAL B 48 11.00 -10.37 -25.27
C VAL B 48 11.14 -10.77 -26.76
N ALA B 49 12.38 -10.75 -27.26
CA ALA B 49 12.68 -11.20 -28.62
C ALA B 49 11.87 -10.43 -29.65
N GLY B 50 11.72 -9.13 -29.40
CA GLY B 50 11.01 -8.27 -30.31
C GLY B 50 9.50 -8.31 -30.22
N VAL B 51 8.97 -9.15 -29.34
CA VAL B 51 7.52 -9.25 -29.18
C VAL B 51 7.08 -8.44 -27.97
N ARG B 52 6.11 -7.54 -28.17
CA ARG B 52 5.69 -6.63 -27.11
C ARG B 52 4.48 -7.16 -26.33
N TYR B 53 4.68 -7.43 -25.04
CA TYR B 53 3.60 -7.95 -24.19
C TYR B 53 3.01 -6.85 -23.32
N PHE B 54 3.86 -5.94 -22.89
CA PHE B 54 3.43 -4.77 -22.14
C PHE B 54 4.55 -3.78 -22.27
N GLN B 55 4.39 -2.60 -21.67
CA GLN B 55 5.40 -1.58 -21.83
C GLN B 55 5.79 -1.03 -20.47
N CYS B 56 7.09 -1.06 -20.19
CA CYS B 56 7.63 -0.38 -19.01
C CYS B 56 9.03 0.12 -19.32
N GLU B 57 9.68 0.78 -18.36
CA GLU B 57 11.06 1.22 -18.53
C GLU B 57 12.00 0.02 -18.61
N PRO B 58 13.19 0.21 -19.21
CA PRO B 58 14.18 -0.86 -19.31
C PRO B 58 14.55 -1.45 -17.93
N LEU B 59 14.69 -2.77 -17.89
CA LEU B 59 15.08 -3.51 -16.69
C LEU B 59 14.03 -3.51 -15.59
N LYS B 60 12.87 -2.92 -15.85
CA LYS B 60 11.77 -2.95 -14.91
C LYS B 60 10.79 -4.09 -15.12
N GLY B 61 10.88 -4.76 -16.26
CA GLY B 61 9.95 -5.85 -16.55
C GLY B 61 10.56 -7.24 -16.37
N ILE B 62 9.74 -8.20 -15.97
CA ILE B 62 10.18 -9.60 -15.89
C ILE B 62 8.97 -10.49 -16.13
N PHE B 63 9.22 -11.66 -16.73
CA PHE B 63 8.14 -12.62 -16.91
C PHE B 63 8.43 -13.82 -16.03
N THR B 64 7.43 -14.21 -15.24
CA THR B 64 7.62 -15.33 -14.33
C THR B 64 6.36 -16.16 -14.31
N ARG B 65 6.46 -17.40 -13.85
CA ARG B 65 5.28 -18.24 -13.70
CA ARG B 65 5.29 -18.25 -13.70
C ARG B 65 4.39 -17.70 -12.59
N PRO B 66 3.08 -17.81 -12.76
CA PRO B 66 2.21 -17.25 -11.74
C PRO B 66 2.42 -17.91 -10.38
N SER B 67 2.85 -19.17 -10.39
CA SER B 67 3.10 -19.87 -9.13
C SER B 67 4.14 -19.17 -8.26
N LYS B 68 4.97 -18.33 -8.85
CA LYS B 68 6.00 -17.63 -8.08
C LYS B 68 5.52 -16.33 -7.43
N LEU B 69 4.25 -15.97 -7.67
CA LEU B 69 3.73 -14.70 -7.17
C LEU B 69 2.92 -14.85 -5.90
N THR B 70 2.94 -13.81 -5.07
CA THR B 70 2.07 -13.72 -3.94
C THR B 70 1.35 -12.37 -4.09
N ARG B 71 0.05 -12.36 -3.86
CA ARG B 71 -0.71 -11.12 -3.96
C ARG B 71 -0.59 -10.36 -2.65
N LYS B 72 -0.42 -9.04 -2.73
CA LYS B 72 -0.26 -8.21 -1.54
C LYS B 72 -1.62 -7.70 -1.10
N ASP C 2 10.58 16.60 -15.10
CA ASP C 2 10.71 16.23 -13.70
C ASP C 2 10.20 17.31 -12.75
N PHE C 3 9.96 16.89 -11.51
CA PHE C 3 9.35 17.73 -10.51
C PHE C 3 9.98 17.44 -9.16
N ARG C 4 9.66 18.27 -8.18
CA ARG C 4 10.20 18.11 -6.83
C ARG C 4 9.16 18.34 -5.76
N VAL C 5 9.31 17.60 -4.66
CA VAL C 5 8.48 17.79 -3.49
C VAL C 5 8.65 19.24 -3.05
N GLY C 6 7.54 19.89 -2.72
CA GLY C 6 7.55 21.31 -2.36
C GLY C 6 7.17 22.27 -3.48
N GLU C 7 7.22 21.79 -4.73
CA GLU C 7 6.98 22.64 -5.90
C GLU C 7 5.52 23.07 -6.02
N ARG C 8 5.33 24.35 -6.34
CA ARG C 8 4.02 24.91 -6.65
C ARG C 8 3.65 24.45 -8.05
N VAL C 9 2.48 23.84 -8.17
CA VAL C 9 2.06 23.34 -9.46
C VAL C 9 0.58 23.55 -9.78
N TRP C 10 0.21 23.26 -11.03
CA TRP C 10 -1.20 23.27 -11.39
C TRP C 10 -1.52 21.92 -11.94
N VAL C 11 -2.63 21.35 -11.50
CA VAL C 11 -3.08 20.07 -12.06
C VAL C 11 -3.98 20.41 -13.25
N ASN C 12 -3.71 19.79 -14.40
CA ASN C 12 -4.41 20.09 -15.66
C ASN C 12 -4.39 21.56 -16.03
N GLY C 13 -3.41 22.29 -15.51
CA GLY C 13 -3.23 23.68 -15.87
C GLY C 13 -4.13 24.64 -15.12
N ASN C 14 -5.04 24.13 -14.30
CA ASN C 14 -6.03 25.03 -13.70
C ASN C 14 -6.41 24.72 -12.25
N LYS C 15 -5.80 23.69 -11.67
CA LYS C 15 -6.03 23.38 -10.26
C LYS C 15 -4.71 23.53 -9.49
N PRO C 16 -4.54 24.66 -8.80
CA PRO C 16 -3.31 24.91 -8.05
C PRO C 16 -3.14 24.06 -6.80
N GLY C 17 -1.90 23.68 -6.52
CA GLY C 17 -1.55 23.00 -5.29
C GLY C 17 -0.04 22.93 -5.13
N PHE C 18 0.44 22.07 -4.22
CA PHE C 18 1.85 21.87 -4.05
C PHE C 18 2.12 20.39 -4.10
N ILE C 19 3.25 20.02 -4.68
CA ILE C 19 3.68 18.62 -4.62
C ILE C 19 4.12 18.26 -3.19
N GLN C 20 3.60 17.15 -2.66
CA GLN C 20 3.97 16.72 -1.30
C GLN C 20 4.55 15.33 -1.34
N PHE C 21 4.42 14.68 -2.48
CA PHE C 21 4.91 13.30 -2.67
C PHE C 21 5.22 13.03 -4.14
N LEU C 22 6.30 12.29 -4.40
CA LEU C 22 6.68 11.92 -5.73
C LEU C 22 7.28 10.55 -5.70
N GLY C 23 6.66 9.58 -6.35
CA GLY C 23 7.27 8.26 -6.43
C GLY C 23 6.30 7.14 -6.73
N GLU C 24 6.77 5.90 -6.54
CA GLU C 24 5.90 4.76 -6.80
C GLU C 24 4.96 4.58 -5.61
N THR C 25 3.90 3.82 -5.80
CA THR C 25 2.91 3.65 -4.74
C THR C 25 2.43 2.21 -4.72
N GLN C 26 1.53 1.90 -3.79
CA GLN C 26 0.98 0.56 -3.69
C GLN C 26 -0.27 0.35 -4.52
N PHE C 27 -0.87 1.44 -5.00
CA PHE C 27 -2.18 1.37 -5.64
C PHE C 27 -2.18 1.20 -7.17
N ALA C 28 -1.09 1.58 -7.83
CA ALA C 28 -0.99 1.46 -9.29
C ALA C 28 0.45 1.66 -9.71
N PRO C 29 0.86 1.06 -10.84
CA PRO C 29 2.26 1.12 -11.27
C PRO C 29 2.71 2.49 -11.73
N GLY C 30 4.03 2.68 -11.87
CA GLY C 30 4.55 3.92 -12.40
C GLY C 30 4.68 5.05 -11.38
N GLN C 31 5.00 6.25 -11.86
CA GLN C 31 5.20 7.38 -10.95
C GLN C 31 3.91 8.10 -10.65
N TRP C 32 3.77 8.53 -9.39
CA TRP C 32 2.64 9.31 -8.95
C TRP C 32 3.13 10.57 -8.22
N ALA C 33 2.43 11.69 -8.44
CA ALA C 33 2.68 12.90 -7.70
C ALA C 33 1.47 13.09 -6.79
N GLY C 34 1.72 13.23 -5.49
CA GLY C 34 0.67 13.52 -4.54
C GLY C 34 0.70 15.01 -4.28
N ILE C 35 -0.46 15.65 -4.41
CA ILE C 35 -0.56 17.09 -4.44
C ILE C 35 -1.50 17.50 -3.34
N VAL C 36 -1.17 18.59 -2.62
CA VAL C 36 -2.16 19.19 -1.77
C VAL C 36 -2.71 20.39 -2.54
N LEU C 37 -4.01 20.35 -2.79
CA LEU C 37 -4.71 21.37 -3.60
C LEU C 37 -5.04 22.59 -2.75
N ASP C 38 -5.08 23.77 -3.38
CA ASP C 38 -5.57 24.95 -2.67
C ASP C 38 -7.03 24.79 -2.25
N GLU C 39 -7.82 24.10 -3.05
CA GLU C 39 -9.25 24.00 -2.78
C GLU C 39 -9.61 22.57 -2.46
N PRO C 40 -10.67 22.35 -1.66
CA PRO C 40 -11.03 21.00 -1.23
C PRO C 40 -11.80 20.21 -2.29
N ILE C 41 -11.17 20.04 -3.44
CA ILE C 41 -11.81 19.37 -4.57
C ILE C 41 -11.12 18.03 -4.88
N GLY C 42 -10.26 17.61 -3.96
CA GLY C 42 -9.49 16.40 -4.10
C GLY C 42 -10.24 15.16 -3.65
N LYS C 43 -9.52 14.05 -3.56
CA LYS C 43 -10.10 12.77 -3.19
C LYS C 43 -9.71 12.25 -1.81
N ASN C 44 -8.64 12.76 -1.22
CA ASN C 44 -8.06 12.09 -0.05
C ASN C 44 -7.31 13.03 0.88
N ASP C 45 -6.73 12.48 1.95
CA ASP C 45 -5.90 13.25 2.89
C ASP C 45 -4.42 12.91 2.79
N GLY C 46 -4.03 12.34 1.65
CA GLY C 46 -2.65 11.93 1.43
C GLY C 46 -2.49 10.43 1.59
N SER C 47 -3.57 9.75 1.97
CA SER C 47 -3.56 8.29 2.08
C SER C 47 -4.53 7.64 1.09
N VAL C 48 -4.19 6.45 0.59
CA VAL C 48 -5.05 5.70 -0.32
C VAL C 48 -5.09 4.27 0.20
N ALA C 49 -6.29 3.75 0.42
CA ALA C 49 -6.47 2.41 0.96
C ALA C 49 -5.67 2.19 2.25
N GLY C 50 -5.64 3.21 3.10
CA GLY C 50 -4.99 3.11 4.40
C GLY C 50 -3.51 3.39 4.36
N VAL C 51 -2.92 3.42 3.15
CA VAL C 51 -1.48 3.60 3.03
C VAL C 51 -1.14 5.09 3.03
N ARG C 52 -0.24 5.48 3.93
CA ARG C 52 0.06 6.88 4.14
C ARG C 52 1.24 7.36 3.28
N TYR C 53 0.96 8.15 2.24
CA TYR C 53 2.01 8.70 1.39
C TYR C 53 2.43 10.11 1.77
N PHE C 54 1.45 10.92 2.16
CA PHE C 54 1.72 12.23 2.72
C PHE C 54 0.56 12.60 3.61
N GLN C 55 0.66 13.74 4.28
CA GLN C 55 -0.44 14.15 5.12
C GLN C 55 -0.93 15.55 4.77
N CYS C 56 -2.22 15.63 4.52
CA CYS C 56 -2.84 16.95 4.29
C CYS C 56 -4.26 16.98 4.81
N GLU C 57 -4.85 18.17 4.80
CA GLU C 57 -6.23 18.32 5.23
C GLU C 57 -7.07 17.44 4.31
N PRO C 58 -8.08 16.79 4.88
CA PRO C 58 -9.01 15.95 4.11
C PRO C 58 -9.58 16.67 2.91
N LEU C 59 -9.76 15.92 1.81
CA LEU C 59 -10.34 16.43 0.58
C LEU C 59 -9.42 17.39 -0.15
N LYS C 60 -8.21 17.57 0.35
CA LYS C 60 -7.27 18.40 -0.37
C LYS C 60 -6.20 17.62 -1.11
N GLY C 61 -6.09 16.32 -0.84
CA GLY C 61 -5.11 15.54 -1.54
C GLY C 61 -5.60 14.85 -2.81
N ILE C 62 -4.71 14.74 -3.79
CA ILE C 62 -4.98 13.92 -4.95
C ILE C 62 -3.66 13.36 -5.46
N PHE C 63 -3.72 12.17 -6.07
CA PHE C 63 -2.58 11.62 -6.74
C PHE C 63 -2.86 11.61 -8.24
N THR C 64 -1.87 12.07 -9.01
CA THR C 64 -2.03 12.11 -10.44
C THR C 64 -0.70 11.87 -11.10
N ARG C 65 -0.72 11.60 -12.39
CA ARG C 65 0.53 11.41 -13.11
C ARG C 65 1.30 12.70 -13.21
N PRO C 66 2.62 12.60 -13.16
CA PRO C 66 3.41 13.83 -13.28
C PRO C 66 3.15 14.55 -14.59
N SER C 67 2.78 13.81 -15.64
CA SER C 67 2.54 14.43 -16.94
C SER C 67 1.33 15.35 -16.95
N LYS C 68 0.51 15.32 -15.90
CA LYS C 68 -0.66 16.18 -15.81
C LYS C 68 -0.34 17.54 -15.19
N LEU C 69 0.91 17.73 -14.76
CA LEU C 69 1.30 18.90 -13.96
C LEU C 69 2.05 19.94 -14.77
N THR C 70 1.88 21.20 -14.37
CA THR C 70 2.69 22.31 -14.86
C THR C 70 3.30 23.09 -13.69
N ARG C 71 4.54 23.55 -13.85
CA ARG C 71 5.20 24.33 -12.82
C ARG C 71 4.97 25.82 -12.99
N LYS C 72 5.79 26.62 -12.31
CA LYS C 72 5.68 28.07 -12.35
C LYS C 72 4.73 28.58 -11.27
N ASP D 1 -2.86 -2.01 4.09
CA ASP D 1 -3.28 -1.54 5.41
C ASP D 1 -4.79 -1.71 5.61
N ASP D 2 -5.59 -1.08 4.77
CA ASP D 2 -7.04 -1.28 4.86
C ASP D 2 -7.39 -2.70 4.45
N PHE D 3 -8.46 -3.24 5.04
CA PHE D 3 -9.03 -4.51 4.59
C PHE D 3 -9.76 -4.30 3.26
N ARG D 4 -10.17 -5.40 2.63
CA ARG D 4 -10.88 -5.34 1.34
C ARG D 4 -12.11 -6.22 1.39
N VAL D 5 -13.17 -5.80 0.71
CA VAL D 5 -14.33 -6.67 0.54
C VAL D 5 -13.89 -7.93 -0.17
N GLY D 6 -14.38 -9.06 0.32
CA GLY D 6 -14.00 -10.36 -0.21
C GLY D 6 -12.93 -11.09 0.58
N GLU D 7 -12.21 -10.38 1.45
CA GLU D 7 -11.12 -11.02 2.19
C GLU D 7 -11.62 -12.02 3.22
N ARG D 8 -10.87 -13.11 3.32
CA ARG D 8 -11.10 -14.13 4.32
C ARG D 8 -10.48 -13.60 5.61
N VAL D 9 -11.26 -13.62 6.69
CA VAL D 9 -10.79 -13.07 7.96
C VAL D 9 -11.20 -13.89 9.17
N TRP D 10 -10.59 -13.59 10.31
CA TRP D 10 -11.09 -14.06 11.60
C TRP D 10 -11.55 -12.89 12.42
N VAL D 11 -12.72 -13.03 13.02
CA VAL D 11 -13.16 -12.06 14.02
C VAL D 11 -12.63 -12.55 15.37
N ASN D 12 -12.01 -11.65 16.12
CA ASN D 12 -11.33 -11.99 17.38
C ASN D 12 -10.39 -13.18 17.27
N GLY D 13 -9.80 -13.34 16.10
CA GLY D 13 -8.86 -14.42 15.86
C GLY D 13 -9.42 -15.83 15.90
N ASN D 14 -10.74 -16.00 16.10
CA ASN D 14 -11.22 -17.39 16.16
C ASN D 14 -12.57 -17.69 15.49
N LYS D 15 -13.20 -16.66 14.94
CA LYS D 15 -14.44 -16.84 14.22
C LYS D 15 -14.22 -16.50 12.74
N PRO D 16 -14.15 -17.54 11.89
CA PRO D 16 -13.80 -17.33 10.49
C PRO D 16 -14.97 -16.81 9.64
N GLY D 17 -14.67 -15.98 8.67
CA GLY D 17 -15.70 -15.48 7.73
C GLY D 17 -15.07 -14.73 6.58
N PHE D 18 -15.91 -13.98 5.84
CA PHE D 18 -15.42 -13.16 4.76
C PHE D 18 -15.93 -11.75 4.94
N ILE D 19 -15.10 -10.76 4.60
CA ILE D 19 -15.61 -9.39 4.61
C ILE D 19 -16.58 -9.21 3.43
N GLN D 20 -17.76 -8.66 3.72
CA GLN D 20 -18.74 -8.40 2.66
C GLN D 20 -19.08 -6.94 2.56
N PHE D 21 -18.63 -6.16 3.53
CA PHE D 21 -18.93 -4.73 3.56
C PHE D 21 -17.88 -4.01 4.40
N LEU D 22 -17.48 -2.82 3.94
CA LEU D 22 -16.59 -1.98 4.73
C LEU D 22 -16.98 -0.53 4.57
N GLY D 23 -17.22 0.17 5.67
CA GLY D 23 -17.49 1.59 5.58
C GLY D 23 -18.36 2.11 6.69
N GLU D 24 -18.89 3.32 6.51
CA GLU D 24 -19.74 3.89 7.53
C GLU D 24 -21.14 3.32 7.44
N THR D 25 -21.93 3.50 8.48
CA THR D 25 -23.27 2.92 8.50
C THR D 25 -24.23 3.87 9.15
N GLN D 26 -25.48 3.46 9.29
CA GLN D 26 -26.51 4.29 9.90
C GLN D 26 -26.66 4.04 11.40
N PHE D 27 -26.11 2.94 11.90
CA PHE D 27 -26.38 2.52 13.27
C PHE D 27 -25.39 3.05 14.34
N ALA D 28 -24.17 3.39 13.94
CA ALA D 28 -23.19 3.91 14.87
C ALA D 28 -22.06 4.54 14.09
N PRO D 29 -21.34 5.51 14.68
CA PRO D 29 -20.27 6.23 13.97
C PRO D 29 -19.04 5.38 13.65
N GLY D 30 -18.19 5.91 12.77
CA GLY D 30 -16.91 5.26 12.49
C GLY D 30 -17.01 4.15 11.45
N GLN D 31 -15.91 3.43 11.28
CA GLN D 31 -15.82 2.37 10.27
C GLN D 31 -16.30 1.03 10.78
N TRP D 32 -17.00 0.30 9.93
CA TRP D 32 -17.52 -1.02 10.26
C TRP D 32 -17.20 -2.03 9.16
N ALA D 33 -16.89 -3.26 9.57
CA ALA D 33 -16.73 -4.34 8.64
C ALA D 33 -17.91 -5.28 8.84
N GLY D 34 -18.64 -5.56 7.76
CA GLY D 34 -19.73 -6.50 7.82
C GLY D 34 -19.16 -7.81 7.31
N ILE D 35 -19.37 -8.86 8.07
CA ILE D 35 -18.70 -10.14 7.84
C ILE D 35 -19.78 -11.20 7.68
N VAL D 36 -19.61 -12.09 6.71
CA VAL D 36 -20.42 -13.30 6.69
C VAL D 36 -19.60 -14.39 7.34
N LEU D 37 -20.12 -14.92 8.45
CA LEU D 37 -19.43 -15.98 9.24
C LEU D 37 -19.66 -17.38 8.69
N ASP D 38 -18.65 -18.25 8.84
CA ASP D 38 -18.80 -19.65 8.44
C ASP D 38 -19.93 -20.30 9.23
N GLU D 39 -20.02 -19.94 10.51
CA GLU D 39 -21.04 -20.53 11.40
C GLU D 39 -22.15 -19.54 11.70
N PRO D 40 -23.38 -20.04 11.96
CA PRO D 40 -24.53 -19.18 12.27
C PRO D 40 -24.53 -18.64 13.68
N ILE D 41 -23.50 -17.86 14.01
CA ILE D 41 -23.33 -17.37 15.37
C ILE D 41 -23.32 -15.83 15.41
N GLY D 42 -23.78 -15.22 14.33
CA GLY D 42 -23.79 -13.77 14.20
C GLY D 42 -25.12 -13.24 14.69
N LYS D 43 -25.46 -12.04 14.23
CA LYS D 43 -26.61 -11.31 14.75
C LYS D 43 -27.63 -10.95 13.66
N ASN D 44 -27.26 -11.12 12.39
CA ASN D 44 -28.11 -10.56 11.32
C ASN D 44 -27.90 -11.19 9.96
N ASP D 45 -28.62 -10.69 8.95
CA ASP D 45 -28.51 -11.19 7.58
C ASP D 45 -27.82 -10.18 6.65
N GLY D 46 -27.07 -9.24 7.21
CA GLY D 46 -26.44 -8.15 6.47
C GLY D 46 -27.20 -6.84 6.60
N SER D 47 -28.36 -6.87 7.24
CA SER D 47 -29.16 -5.66 7.49
C SER D 47 -29.21 -5.34 8.99
N VAL D 48 -29.33 -4.05 9.32
CA VAL D 48 -29.45 -3.62 10.71
C VAL D 48 -30.53 -2.53 10.75
N ALA D 49 -31.53 -2.73 11.59
CA ALA D 49 -32.62 -1.78 11.74
C ALA D 49 -33.23 -1.43 10.40
N GLY D 50 -33.34 -2.42 9.52
CA GLY D 50 -34.00 -2.26 8.25
C GLY D 50 -33.10 -1.81 7.11
N VAL D 51 -31.88 -1.43 7.44
CA VAL D 51 -30.95 -0.90 6.45
C VAL D 51 -30.05 -2.02 5.93
N ARG D 52 -30.02 -2.19 4.61
CA ARG D 52 -29.31 -3.30 3.98
C ARG D 52 -27.89 -2.91 3.56
N TYR D 53 -26.89 -3.45 4.28
CA TYR D 53 -25.49 -3.19 3.97
C TYR D 53 -24.91 -4.30 3.09
N PHE D 54 -25.33 -5.53 3.34
CA PHE D 54 -24.96 -6.64 2.49
C PHE D 54 -26.00 -7.75 2.64
N GLN D 55 -25.86 -8.82 1.86
CA GLN D 55 -26.81 -9.90 1.99
C GLN D 55 -26.13 -11.22 2.28
N CYS D 56 -26.59 -11.90 3.32
CA CYS D 56 -26.14 -13.27 3.61
C CYS D 56 -27.25 -14.04 4.27
N GLU D 57 -27.00 -15.33 4.52
CA GLU D 57 -27.97 -16.19 5.16
C GLU D 57 -28.19 -15.70 6.59
N PRO D 58 -29.41 -15.87 7.12
CA PRO D 58 -29.76 -15.41 8.47
C PRO D 58 -28.77 -15.89 9.55
N LEU D 59 -28.48 -14.98 10.48
CA LEU D 59 -27.60 -15.23 11.61
C LEU D 59 -26.16 -15.52 11.21
N LYS D 60 -25.81 -15.31 9.96
CA LYS D 60 -24.41 -15.41 9.58
C LYS D 60 -23.68 -14.08 9.50
N GLY D 61 -24.42 -12.98 9.59
CA GLY D 61 -23.80 -11.67 9.47
C GLY D 61 -23.55 -11.01 10.83
N ILE D 62 -22.46 -10.27 10.89
CA ILE D 62 -22.14 -9.45 12.07
C ILE D 62 -21.39 -8.23 11.58
N PHE D 63 -21.53 -7.11 12.29
CA PHE D 63 -20.74 -5.93 11.99
C PHE D 63 -19.81 -5.71 13.16
N THR D 64 -18.53 -5.55 12.87
CA THR D 64 -17.56 -5.34 13.91
C THR D 64 -16.54 -4.31 13.47
N ARG D 65 -15.81 -3.74 14.42
CA ARG D 65 -14.74 -2.83 14.07
C ARG D 65 -13.65 -3.56 13.31
N PRO D 66 -13.04 -2.90 12.34
CA PRO D 66 -11.94 -3.55 11.62
C PRO D 66 -10.78 -3.95 12.51
N SER D 67 -10.58 -3.24 13.63
CA SER D 67 -9.49 -3.57 14.54
C SER D 67 -9.66 -4.94 15.18
N LYS D 68 -10.85 -5.53 15.08
CA LYS D 68 -11.07 -6.85 15.64
C LYS D 68 -10.69 -7.99 14.68
N LEU D 69 -10.30 -7.65 13.46
CA LEU D 69 -10.11 -8.66 12.41
C LEU D 69 -8.65 -9.02 12.20
N THR D 70 -8.42 -10.26 11.76
CA THR D 70 -7.10 -10.69 11.32
C THR D 70 -7.30 -11.28 9.93
N ARG D 71 -6.43 -10.94 8.98
CA ARG D 71 -6.50 -11.57 7.66
C ARG D 71 -5.92 -12.96 7.71
N LYS D 72 -6.54 -13.91 7.00
CA LYS D 72 -6.07 -15.29 6.98
C LYS D 72 -5.26 -15.54 5.72
N ASP E 1 17.23 11.59 -1.13
CA ASP E 1 16.11 12.22 -1.82
C ASP E 1 15.13 12.85 -0.83
N SER E 2 14.17 13.61 -1.36
CA SER E 2 13.30 14.45 -0.53
C SER E 2 12.51 13.72 0.54
N TRP E 3 12.13 12.47 0.27
CA TRP E 3 11.36 11.69 1.24
C TRP E 3 12.08 11.58 2.58
N LYS E 4 13.40 11.76 2.57
CA LYS E 4 14.21 11.63 3.79
C LYS E 4 14.38 12.93 4.54
N ASP E 5 13.75 13.99 4.05
CA ASP E 5 13.70 15.25 4.78
C ASP E 5 13.01 15.01 6.11
N GLY E 6 13.59 15.55 7.19
CA GLY E 6 12.99 15.43 8.50
C GLY E 6 13.23 14.05 9.11
N CYS E 7 14.13 13.29 8.50
CA CYS E 7 14.54 11.99 9.00
C CYS E 7 15.98 12.03 9.43
N TYR E 8 16.42 11.04 10.20
CA TYR E 8 17.81 10.95 10.62
C TYR E 8 18.39 9.60 10.23
N ASP F 1 19.45 -11.75 -10.40
CA ASP F 1 20.35 -12.80 -9.92
C ASP F 1 19.78 -14.18 -10.20
N SER F 2 19.95 -15.11 -9.26
CA SER F 2 19.48 -16.47 -9.43
C SER F 2 17.95 -16.54 -9.35
N TRP F 3 17.36 -15.61 -8.61
CA TRP F 3 15.90 -15.57 -8.51
C TRP F 3 15.24 -15.44 -9.89
N LYS F 4 16.02 -15.01 -10.88
CA LYS F 4 15.52 -14.77 -12.24
C LYS F 4 15.71 -15.96 -13.16
N ASP F 5 16.19 -17.06 -12.61
CA ASP F 5 16.24 -18.34 -13.32
C ASP F 5 14.83 -18.77 -13.71
N GLY F 6 14.66 -19.17 -14.97
CA GLY F 6 13.38 -19.63 -15.47
C GLY F 6 12.42 -18.48 -15.68
N CYS F 7 12.96 -17.26 -15.68
CA CYS F 7 12.21 -16.05 -16.02
C CYS F 7 12.74 -15.48 -17.31
N TYR F 8 11.92 -14.63 -17.95
CA TYR F 8 12.28 -13.96 -19.19
C TYR F 8 12.13 -12.45 -19.05
N SER G 2 -14.35 14.57 -12.29
CA SER G 2 -14.31 14.45 -13.75
C SER G 2 -12.86 14.49 -14.21
N TRP G 3 -12.19 15.60 -13.94
CA TRP G 3 -10.76 15.69 -14.17
C TRP G 3 -10.02 14.72 -13.25
N LYS G 4 -10.73 14.24 -12.22
CA LYS G 4 -10.16 13.30 -11.25
C LYS G 4 -10.21 11.85 -11.76
N ASP G 5 -10.83 11.67 -12.92
CA ASP G 5 -10.75 10.41 -13.63
C ASP G 5 -9.26 10.10 -13.83
N GLY G 6 -8.85 8.88 -13.47
CA GLY G 6 -7.47 8.48 -13.63
C GLY G 6 -6.61 8.87 -12.44
N CYS G 7 -7.20 9.59 -11.48
CA CYS G 7 -6.51 9.98 -10.25
C CYS G 7 -6.95 9.16 -9.05
N TYR G 8 -6.13 9.22 -7.99
CA TYR G 8 -6.40 8.52 -6.74
C TYR G 8 -6.44 9.54 -5.62
N ASP H 1 -17.99 -10.87 29.05
CA ASP H 1 -19.29 -11.12 28.45
C ASP H 1 -19.20 -11.99 27.18
N SER H 2 -19.29 -11.36 26.02
CA SER H 2 -19.27 -12.07 24.75
C SER H 2 -18.46 -11.33 23.69
N TRP H 3 -17.83 -12.07 22.79
CA TRP H 3 -17.10 -11.48 21.68
C TRP H 3 -17.98 -10.53 20.85
N LYS H 4 -19.28 -10.81 20.81
CA LYS H 4 -20.25 -9.99 20.07
C LYS H 4 -20.56 -8.65 20.75
N ASP H 5 -19.95 -8.40 21.91
CA ASP H 5 -20.09 -7.10 22.53
C ASP H 5 -19.52 -6.04 21.58
N GLY H 6 -20.25 -4.94 21.44
CA GLY H 6 -19.84 -3.83 20.60
C GLY H 6 -20.13 -4.07 19.13
N CYS H 7 -20.68 -5.24 18.81
CA CYS H 7 -21.03 -5.60 17.43
C CYS H 7 -22.50 -5.38 17.14
N TYR H 8 -22.82 -5.29 15.86
CA TYR H 8 -24.20 -5.09 15.41
C TYR H 8 -24.59 -6.21 14.46
NA NA I . 6.73 -4.14 -0.55
C1 BME J . 2.00 8.89 -17.40
C2 BME J . 2.83 10.15 -17.54
O1 BME J . 1.03 8.82 -18.42
S2 BME J . 3.54 10.70 -15.96
H11 BME J . 1.50 8.88 -16.43
H12 BME J . 2.65 8.02 -17.45
H21 BME J . 3.64 9.98 -18.25
H22 BME J . 2.21 10.96 -17.94
HO1 BME J . 1.11 9.61 -19.00
HS2 BME J . 4.43 11.00 -16.10
#